data_5NSX
#
_entry.id   5NSX
#
_cell.length_a   91.140
_cell.length_b   97.850
_cell.length_c   118.450
_cell.angle_alpha   90.00
_cell.angle_beta   90.00
_cell.angle_gamma   90.00
#
_symmetry.space_group_name_H-M   'C 2 2 21'
#
loop_
_entity.id
_entity.type
_entity.pdbx_description
1 polymer Tankyrase-2
2 polymer Tankyrase-2
3 non-polymer 'SULFATE ION'
4 non-polymer 'ZINC ION'
5 non-polymer 2-(2~{H}-indazol-5-yl)-3~{H}-quinazolin-4-one
6 non-polymer GLYCEROL
7 water water
#
loop_
_entity_poly.entity_id
_entity_poly.type
_entity_poly.pdbx_seq_one_letter_code
_entity_poly.pdbx_strand_id
1 'polypeptide(L)'
;MHHHHHHSSGVDLGTENLYFQSMLNTSGSGTILIDLSPDDKEFQSVEEEMQSTVREHRDGGHAGGIFNRYNILKIQKVCN
KKLWERYTHRRKEVSEENHNHANERMLFHGSPFVNAIIHKGFDERHAYIGGMFGAGIYFAENSSKSNQYVYGIGGGTGCP
VHKDRSCYICHRQLLFCRVTLGKSFLQFSAM
;
A,B
2 'polypeptide(L)' KMAHSPPGHHSVTGRPSVNGLALAEYVIYRGEQAYPEYLITYQIMRPEG C,D
#
loop_
_chem_comp.id
_chem_comp.type
_chem_comp.name
_chem_comp.formula
97K non-polymer 2-(2~{H}-indazol-5-yl)-3~{H}-quinazolin-4-one 'C15 H10 N4 O'
GOL non-polymer GLYCEROL 'C3 H8 O3'
SO4 non-polymer 'SULFATE ION' 'O4 S -2'
ZN non-polymer 'ZINC ION' 'Zn 2'
#
# COMPACT_ATOMS: atom_id res chain seq x y z
N GLY A 30 -10.20 -24.91 26.61
CA GLY A 30 -9.26 -24.45 27.65
C GLY A 30 -9.32 -22.95 27.90
N THR A 31 -9.98 -22.17 27.03
CA THR A 31 -9.90 -20.72 27.20
C THR A 31 -10.97 -20.22 28.15
N ILE A 32 -10.55 -19.43 29.13
CA ILE A 32 -11.50 -18.63 29.85
C ILE A 32 -11.23 -17.14 29.67
N LEU A 33 -12.30 -16.37 29.67
CA LEU A 33 -12.25 -14.93 29.58
C LEU A 33 -12.61 -14.28 30.91
N ILE A 34 -11.69 -13.47 31.43
CA ILE A 34 -11.92 -12.73 32.66
C ILE A 34 -12.14 -11.24 32.37
N ASP A 35 -13.32 -10.74 32.72
CA ASP A 35 -13.65 -9.33 32.63
C ASP A 35 -12.77 -8.51 33.52
N LEU A 36 -12.25 -7.42 32.99
CA LEU A 36 -11.54 -6.47 33.79
C LEU A 36 -12.47 -5.35 34.15
N SER A 37 -12.29 -4.85 35.37
CA SER A 37 -13.07 -3.73 35.81
C SER A 37 -12.45 -2.46 35.22
N PRO A 38 -13.28 -1.50 34.79
CA PRO A 38 -12.76 -0.20 34.37
C PRO A 38 -11.90 0.55 35.40
N ASP A 39 -12.01 0.18 36.68
CA ASP A 39 -11.20 0.74 37.75
C ASP A 39 -9.85 0.08 37.88
N ASP A 40 -9.61 -1.01 37.19
CA ASP A 40 -8.37 -1.76 37.30
C ASP A 40 -7.35 -1.02 36.45
N LYS A 41 -6.15 -0.86 36.97
CA LYS A 41 -5.06 -0.21 36.23
C LYS A 41 -4.75 -0.90 34.87
N GLU A 42 -4.96 -2.21 34.82
CA GLU A 42 -4.73 -3.00 33.64
C GLU A 42 -5.75 -2.67 32.53
N PHE A 43 -7.01 -2.47 32.91
CA PHE A 43 -8.04 -2.02 31.97
C PHE A 43 -7.63 -0.66 31.45
N GLN A 44 -7.22 0.21 32.36
CA GLN A 44 -6.91 1.57 31.99
C GLN A 44 -5.72 1.69 31.04
N SER A 45 -4.70 0.87 31.25
CA SER A 45 -3.50 0.97 30.44
C SER A 45 -3.76 0.40 29.03
N VAL A 46 -4.55 -0.66 28.94
CA VAL A 46 -4.96 -1.26 27.66
C VAL A 46 -5.87 -0.27 26.90
N GLU A 47 -6.86 0.34 27.58
CA GLU A 47 -7.70 1.36 26.94
C GLU A 47 -6.88 2.48 26.40
N GLU A 48 -5.94 2.98 27.19
CA GLU A 48 -5.09 4.10 26.73
C GLU A 48 -4.28 3.74 25.45
N GLU A 49 -3.77 2.50 25.35
CA GLU A 49 -3.06 2.04 24.15
C GLU A 49 -3.98 2.02 22.95
N MET A 50 -5.20 1.52 23.16
CA MET A 50 -6.21 1.49 22.12
C MET A 50 -6.55 2.93 21.60
N GLN A 51 -6.84 3.84 22.51
CA GLN A 51 -7.33 5.18 22.14
C GLN A 51 -6.20 6.02 21.55
N SER A 52 -5.03 5.93 22.16
CA SER A 52 -3.94 6.81 21.80
C SER A 52 -3.28 6.44 20.48
N THR A 53 -3.57 5.27 19.93
CA THR A 53 -2.93 4.83 18.68
C THR A 53 -3.90 4.88 17.50
N VAL A 54 -5.04 5.55 17.68
CA VAL A 54 -5.89 5.94 16.54
C VAL A 54 -5.18 6.96 15.65
N ARG A 55 -5.26 6.73 14.34
CA ARG A 55 -4.82 7.75 13.38
C ARG A 55 -5.80 7.82 12.24
N GLU A 56 -5.66 8.85 11.41
CA GLU A 56 -6.34 8.93 10.11
C GLU A 56 -5.66 7.96 9.10
N HIS A 57 -6.49 7.42 8.24
CA HIS A 57 -6.08 6.46 7.24
C HIS A 57 -6.26 7.06 5.87
N ARG A 58 -5.41 6.60 4.95
CA ARG A 58 -5.34 7.13 3.59
C ARG A 58 -6.59 6.84 2.75
N ASP A 59 -7.41 5.87 3.19
CA ASP A 59 -8.67 5.60 2.57
C ASP A 59 -9.85 6.50 2.98
N GLY A 60 -9.58 7.53 3.77
CA GLY A 60 -10.62 8.41 4.28
C GLY A 60 -11.64 7.71 5.16
N GLY A 61 -11.32 6.53 5.68
CA GLY A 61 -12.24 5.76 6.50
C GLY A 61 -13.02 4.66 5.78
N HIS A 62 -12.72 4.44 4.50
CA HIS A 62 -13.46 3.46 3.71
C HIS A 62 -13.49 2.06 4.37
N ALA A 63 -12.34 1.56 4.81
CA ALA A 63 -12.27 0.21 5.35
C ALA A 63 -12.77 0.13 6.76
N GLY A 64 -12.34 1.05 7.62
CA GLY A 64 -12.57 0.94 9.06
C GLY A 64 -13.63 1.85 9.64
N GLY A 65 -14.09 2.83 8.87
CA GLY A 65 -15.01 3.82 9.36
C GLY A 65 -14.35 5.13 9.67
N ILE A 66 -15.19 6.15 9.90
CA ILE A 66 -14.73 7.50 10.20
C ILE A 66 -14.87 7.68 11.71
N PHE A 67 -13.75 7.89 12.41
CA PHE A 67 -13.78 8.07 13.86
C PHE A 67 -12.43 8.59 14.31
N ASN A 68 -12.43 9.26 15.45
CA ASN A 68 -11.20 9.68 16.13
C ASN A 68 -10.96 8.91 17.41
N ARG A 69 -11.98 8.22 17.90
CA ARG A 69 -11.85 7.52 19.17
C ARG A 69 -12.88 6.41 19.24
N TYR A 70 -12.70 5.57 20.25
CA TYR A 70 -13.62 4.49 20.53
C TYR A 70 -14.44 4.66 21.80
N ASN A 71 -15.53 3.91 21.84
CA ASN A 71 -16.27 3.67 23.08
C ASN A 71 -15.91 2.25 23.49
N ILE A 72 -15.07 2.12 24.52
CA ILE A 72 -14.67 0.80 24.97
C ILE A 72 -15.78 0.24 25.86
N LEU A 73 -16.28 -0.94 25.50
CA LEU A 73 -17.42 -1.53 26.20
C LEU A 73 -16.95 -2.59 27.21
N LYS A 74 -15.93 -3.34 26.84
CA LYS A 74 -15.40 -4.38 27.66
C LYS A 74 -13.94 -4.69 27.31
N ILE A 75 -13.16 -5.06 28.33
CA ILE A 75 -11.83 -5.63 28.12
C ILE A 75 -11.74 -6.89 28.95
N GLN A 76 -11.42 -7.99 28.30
CA GLN A 76 -11.27 -9.27 28.93
C GLN A 76 -9.84 -9.83 28.77
N LYS A 77 -9.31 -10.41 29.84
CA LYS A 77 -8.07 -11.15 29.77
C LYS A 77 -8.36 -12.57 29.23
N VAL A 78 -7.53 -13.02 28.32
CA VAL A 78 -7.68 -14.32 27.67
C VAL A 78 -6.72 -15.23 28.37
N CYS A 79 -7.25 -16.29 28.99
CA CYS A 79 -6.46 -17.22 29.80
CA CYS A 79 -6.45 -17.21 29.80
C CYS A 79 -6.59 -18.60 29.23
N ASN A 80 -5.48 -19.13 28.69
CA ASN A 80 -5.41 -20.47 28.19
C ASN A 80 -4.00 -20.99 28.42
N LYS A 81 -3.89 -21.91 29.37
CA LYS A 81 -2.60 -22.45 29.82
C LYS A 81 -1.81 -23.12 28.68
N LYS A 82 -2.47 -23.98 27.91
CA LYS A 82 -1.83 -24.63 26.79
C LYS A 82 -1.30 -23.64 25.72
N LEU A 83 -2.11 -22.63 25.37
CA LEU A 83 -1.71 -21.66 24.37
C LEU A 83 -0.55 -20.79 24.91
N TRP A 84 -0.59 -20.47 26.20
CA TRP A 84 0.47 -19.70 26.85
C TRP A 84 1.80 -20.46 26.83
N GLU A 85 1.74 -21.76 27.07
CA GLU A 85 2.93 -22.59 27.11
C GLU A 85 3.51 -22.76 25.72
N ARG A 86 2.64 -22.85 24.72
CA ARG A 86 3.03 -22.86 23.34
C ARG A 86 3.81 -21.57 22.98
N TYR A 87 3.22 -20.43 23.39
CA TYR A 87 3.88 -19.13 23.20
C TYR A 87 5.26 -19.05 23.90
N THR A 88 5.32 -19.37 25.19
CA THR A 88 6.56 -19.17 25.96
C THR A 88 7.65 -20.16 25.53
N HIS A 89 7.24 -21.34 25.04
CA HIS A 89 8.19 -22.30 24.47
C HIS A 89 8.90 -21.72 23.25
N ARG A 90 8.11 -21.16 22.33
CA ARG A 90 8.64 -20.54 21.12
C ARG A 90 9.47 -19.27 21.45
N ARG A 91 9.02 -18.52 22.45
CA ARG A 91 9.68 -17.30 22.87
C ARG A 91 11.13 -17.61 23.33
N LYS A 92 11.29 -18.70 24.07
CA LYS A 92 12.60 -19.13 24.51
C LYS A 92 13.48 -19.58 23.36
N GLU A 93 12.94 -20.28 22.37
CA GLU A 93 13.70 -20.64 21.19
C GLU A 93 14.22 -19.42 20.45
N VAL A 94 13.32 -18.47 20.18
CA VAL A 94 13.69 -17.23 19.52
C VAL A 94 14.70 -16.47 20.35
N SER A 95 14.45 -16.32 21.65
CA SER A 95 15.36 -15.63 22.54
C SER A 95 16.81 -16.21 22.51
N GLU A 96 16.91 -17.53 22.51
CA GLU A 96 18.22 -18.17 22.51
C GLU A 96 18.96 -18.04 21.18
N GLU A 97 18.23 -17.80 20.09
CA GLU A 97 18.79 -17.52 18.76
C GLU A 97 19.13 -16.02 18.58
N ASN A 98 18.83 -15.20 19.59
CA ASN A 98 18.93 -13.73 19.42
C ASN A 98 19.44 -13.09 20.70
N HIS A 99 20.61 -13.56 21.13
CA HIS A 99 21.30 -13.05 22.31
C HIS A 99 20.38 -12.77 23.48
N ASN A 100 19.54 -13.77 23.79
CA ASN A 100 18.60 -13.73 24.92
CA ASN A 100 18.61 -13.73 24.93
C ASN A 100 17.65 -12.53 24.85
N HIS A 101 17.18 -12.22 23.65
CA HIS A 101 16.28 -11.09 23.43
C HIS A 101 15.12 -11.56 22.56
N ALA A 102 13.97 -11.77 23.19
CA ALA A 102 12.73 -12.13 22.46
C ALA A 102 12.22 -11.02 21.56
N ASN A 103 12.52 -9.76 21.90
CA ASN A 103 12.00 -8.60 21.22
C ASN A 103 10.46 -8.67 21.21
N GLU A 104 9.91 -8.77 22.42
CA GLU A 104 8.52 -8.91 22.66
C GLU A 104 7.82 -7.55 22.66
N ARG A 105 6.73 -7.48 21.93
CA ARG A 105 5.90 -6.27 21.78
C ARG A 105 4.43 -6.59 22.14
N MET A 106 3.65 -5.56 22.43
CA MET A 106 2.20 -5.67 22.58
C MET A 106 1.58 -4.92 21.39
N LEU A 107 0.83 -5.66 20.57
CA LEU A 107 0.37 -5.16 19.27
C LEU A 107 -1.10 -5.55 19.03
N PHE A 108 -1.77 -4.84 18.16
CA PHE A 108 -3.17 -5.10 17.87
C PHE A 108 -3.31 -6.04 16.74
N HIS A 109 -4.39 -6.82 16.78
CA HIS A 109 -4.78 -7.69 15.70
C HIS A 109 -6.29 -7.63 15.52
N GLY A 110 -6.71 -7.36 14.29
CA GLY A 110 -8.11 -7.36 13.92
C GLY A 110 -8.33 -8.47 12.90
N SER A 111 -9.44 -9.17 13.06
CA SER A 111 -9.73 -10.30 12.22
C SER A 111 -11.18 -10.74 12.36
N PRO A 112 -11.78 -11.22 11.25
CA PRO A 112 -13.09 -11.92 11.44
C PRO A 112 -13.01 -13.18 12.30
N PHE A 113 -11.82 -13.72 12.54
CA PHE A 113 -11.66 -14.99 13.26
C PHE A 113 -11.22 -14.84 14.71
N VAL A 114 -11.46 -13.69 15.33
CA VAL A 114 -10.98 -13.49 16.70
C VAL A 114 -11.55 -14.52 17.64
N ASN A 115 -12.77 -15.02 17.41
CA ASN A 115 -13.28 -16.06 18.30
C ASN A 115 -12.55 -17.40 18.14
N ALA A 116 -12.16 -17.78 16.94
CA ALA A 116 -11.31 -18.96 16.76
C ALA A 116 -9.89 -18.74 17.36
N ILE A 117 -9.34 -17.53 17.22
CA ILE A 117 -7.98 -17.31 17.72
C ILE A 117 -7.93 -17.51 19.23
N ILE A 118 -8.92 -16.98 19.94
CA ILE A 118 -8.83 -17.02 21.41
C ILE A 118 -9.03 -18.43 21.96
N HIS A 119 -9.66 -19.30 21.19
CA HIS A 119 -9.85 -20.71 21.59
C HIS A 119 -8.77 -21.65 21.10
N LYS A 120 -8.26 -21.45 19.89
CA LYS A 120 -7.28 -22.37 19.31
C LYS A 120 -5.89 -21.79 19.08
N GLY A 121 -5.72 -20.48 19.31
CA GLY A 121 -4.46 -19.80 19.06
C GLY A 121 -4.32 -19.37 17.62
N PHE A 122 -3.26 -18.62 17.36
CA PHE A 122 -2.96 -18.23 15.99
C PHE A 122 -2.37 -19.43 15.20
N ASP A 123 -2.69 -19.53 13.92
CA ASP A 123 -2.04 -20.49 13.00
C ASP A 123 -2.23 -20.02 11.54
N GLU A 124 -1.74 -20.82 10.58
CA GLU A 124 -1.88 -20.58 9.11
C GLU A 124 -3.27 -20.15 8.57
N ARG A 125 -4.35 -20.55 9.23
CA ARG A 125 -5.72 -20.10 8.87
C ARG A 125 -5.98 -18.62 9.13
N HIS A 126 -5.14 -18.02 9.97
CA HIS A 126 -5.25 -16.60 10.36
C HIS A 126 -4.27 -15.69 9.59
N ALA A 127 -3.58 -16.26 8.57
CA ALA A 127 -2.58 -15.52 7.77
C ALA A 127 -3.27 -14.66 6.74
N TYR A 128 -2.63 -13.55 6.41
CA TYR A 128 -3.03 -12.68 5.32
C TYR A 128 -2.19 -13.12 4.11
N ILE A 129 -2.80 -13.99 3.29
CA ILE A 129 -2.07 -14.64 2.19
C ILE A 129 -1.55 -13.56 1.25
N GLY A 130 -2.40 -12.58 0.94
CA GLY A 130 -2.03 -11.48 0.05
C GLY A 130 -1.40 -10.24 0.66
N GLY A 131 -0.86 -10.31 1.88
CA GLY A 131 -0.27 -9.11 2.49
C GLY A 131 1.01 -8.63 1.81
N MET A 132 1.35 -7.36 2.04
CA MET A 132 2.50 -6.67 1.41
C MET A 132 3.84 -7.33 1.72
N PHE A 133 3.91 -8.03 2.85
CA PHE A 133 5.14 -8.66 3.31
C PHE A 133 5.01 -10.18 3.25
N GLY A 134 4.11 -10.69 2.42
CA GLY A 134 3.97 -12.12 2.26
C GLY A 134 2.95 -12.70 3.21
N ALA A 135 2.74 -14.00 3.07
CA ALA A 135 1.70 -14.71 3.76
C ALA A 135 2.15 -14.96 5.18
N GLY A 136 1.64 -14.15 6.09
CA GLY A 136 1.95 -14.28 7.49
C GLY A 136 0.82 -13.70 8.28
N ILE A 137 1.04 -13.58 9.59
CA ILE A 137 0.05 -13.04 10.48
C ILE A 137 0.47 -11.62 10.83
N TYR A 138 -0.41 -10.67 10.58
CA TYR A 138 -0.08 -9.27 10.60
C TYR A 138 -0.59 -8.65 11.89
N PHE A 139 0.22 -7.76 12.45
CA PHE A 139 -0.12 -7.01 13.65
C PHE A 139 0.21 -5.54 13.48
N ALA A 140 -0.51 -4.68 14.20
CA ALA A 140 -0.30 -3.24 14.10
C ALA A 140 -0.02 -2.53 15.42
N GLU A 141 0.84 -1.51 15.37
CA GLU A 141 0.92 -0.57 16.48
C GLU A 141 -0.29 0.35 16.54
N ASN A 142 -0.86 0.74 15.41
CA ASN A 142 -2.04 1.58 15.40
C ASN A 142 -3.31 0.73 15.55
N SER A 143 -4.06 0.92 16.64
CA SER A 143 -5.29 0.17 16.80
C SER A 143 -6.26 0.37 15.61
N SER A 144 -6.25 1.59 15.05
CA SER A 144 -7.13 1.92 13.94
C SER A 144 -6.74 1.17 12.64
N LYS A 145 -5.47 0.81 12.50
CA LYS A 145 -5.08 -0.11 11.44
C LYS A 145 -5.71 -1.51 11.59
N SER A 146 -5.56 -2.14 12.73
CA SER A 146 -6.24 -3.41 12.99
C SER A 146 -7.79 -3.32 12.87
N ASN A 147 -8.37 -2.18 13.20
CA ASN A 147 -9.81 -1.96 13.09
C ASN A 147 -10.29 -2.11 11.65
N GLN A 148 -9.39 -1.84 10.69
CA GLN A 148 -9.74 -1.99 9.27
C GLN A 148 -9.98 -3.44 8.84
N TYR A 149 -9.58 -4.41 9.65
CA TYR A 149 -9.65 -5.81 9.32
C TYR A 149 -10.68 -6.55 10.11
N VAL A 150 -11.40 -5.88 10.99
CA VAL A 150 -12.38 -6.56 11.86
C VAL A 150 -13.46 -7.27 11.05
N TYR A 151 -13.90 -6.65 9.96
CA TYR A 151 -14.93 -7.21 9.08
C TYR A 151 -14.35 -7.79 7.80
N GLY A 152 -13.04 -8.02 7.77
CA GLY A 152 -12.37 -8.68 6.67
C GLY A 152 -11.43 -7.73 5.96
N ILE A 153 -10.78 -8.25 4.92
CA ILE A 153 -9.84 -7.45 4.15
C ILE A 153 -10.57 -6.26 3.59
N GLY A 154 -9.99 -5.08 3.74
CA GLY A 154 -10.62 -3.86 3.30
C GLY A 154 -11.93 -3.54 4.01
N GLY A 155 -12.16 -4.11 5.20
CA GLY A 155 -13.42 -3.94 5.88
C GLY A 155 -14.55 -4.84 5.35
N GLY A 156 -14.25 -5.67 4.35
CA GLY A 156 -15.24 -6.58 3.74
C GLY A 156 -16.47 -5.82 3.33
N THR A 157 -17.62 -6.35 3.72
CA THR A 157 -18.92 -5.65 3.54
C THR A 157 -19.43 -4.89 4.78
N GLY A 158 -18.56 -4.64 5.75
CA GLY A 158 -18.94 -3.94 6.93
C GLY A 158 -19.64 -4.90 7.88
N CYS A 159 -20.34 -4.31 8.84
CA CYS A 159 -20.95 -5.07 9.91
C CYS A 159 -21.99 -6.07 9.35
N PRO A 160 -22.16 -7.25 9.97
CA PRO A 160 -23.21 -8.20 9.55
C PRO A 160 -24.65 -7.65 9.51
N VAL A 161 -24.98 -6.74 10.42
CA VAL A 161 -26.35 -6.32 10.61
C VAL A 161 -26.74 -5.26 9.60
N HIS A 162 -25.90 -4.22 9.46
CA HIS A 162 -26.21 -3.10 8.57
C HIS A 162 -25.37 -3.04 7.30
N LYS A 163 -24.40 -3.94 7.11
CA LYS A 163 -23.46 -3.87 5.96
C LYS A 163 -22.78 -2.50 5.86
N ASP A 164 -22.39 -1.95 7.00
CA ASP A 164 -21.84 -0.61 7.06
C ASP A 164 -20.41 -0.75 7.64
N ARG A 165 -19.38 -0.40 6.85
CA ARG A 165 -18.00 -0.42 7.35
C ARG A 165 -17.74 0.66 8.38
N SER A 166 -18.57 1.72 8.39
CA SER A 166 -18.51 2.78 9.38
C SER A 166 -19.61 2.68 10.44
N CYS A 167 -20.08 1.48 10.72
CA CYS A 167 -21.17 1.31 11.68
C CYS A 167 -20.73 1.80 13.06
N TYR A 168 -21.57 2.68 13.62
CA TYR A 168 -21.37 3.21 14.98
C TYR A 168 -22.18 2.48 16.04
N ILE A 169 -22.99 1.52 15.62
CA ILE A 169 -23.89 0.80 16.52
C ILE A 169 -23.31 -0.54 16.90
N CYS A 170 -22.89 -1.30 15.91
CA CYS A 170 -22.49 -2.68 16.15
C CYS A 170 -21.18 -2.75 16.94
N HIS A 171 -21.11 -3.79 17.74
CA HIS A 171 -19.99 -4.08 18.60
C HIS A 171 -18.90 -4.79 17.81
N ARG A 172 -17.68 -4.26 17.93
CA ARG A 172 -16.47 -4.75 17.31
C ARG A 172 -15.55 -5.35 18.35
N GLN A 173 -14.69 -6.27 17.92
CA GLN A 173 -13.64 -6.83 18.78
C GLN A 173 -12.24 -6.77 18.14
N LEU A 174 -11.22 -6.41 18.93
CA LEU A 174 -9.84 -6.46 18.51
C LEU A 174 -9.13 -7.30 19.57
N LEU A 175 -8.00 -7.88 19.21
CA LEU A 175 -7.07 -8.48 20.16
C LEU A 175 -5.90 -7.57 20.39
N PHE A 176 -5.48 -7.50 21.64
CA PHE A 176 -4.21 -6.83 21.97
C PHE A 176 -3.28 -7.96 22.42
N CYS A 177 -2.26 -8.24 21.64
CA CYS A 177 -1.52 -9.47 21.67
C CYS A 177 -0.09 -9.31 22.09
N ARG A 178 0.43 -10.33 22.70
CA ARG A 178 1.86 -10.39 23.04
C ARG A 178 2.55 -11.09 21.89
N VAL A 179 3.49 -10.40 21.25
CA VAL A 179 4.13 -10.89 20.03
C VAL A 179 5.66 -10.93 20.15
N THR A 180 6.24 -12.05 19.84
CA THR A 180 7.69 -12.22 19.78
C THR A 180 8.22 -11.88 18.39
N LEU A 181 8.97 -10.81 18.26
CA LEU A 181 9.54 -10.48 16.94
C LEU A 181 10.91 -11.08 16.67
N GLY A 182 11.68 -11.34 17.73
CA GLY A 182 13.05 -11.69 17.60
C GLY A 182 13.82 -10.72 16.68
N LYS A 183 14.71 -11.27 15.87
CA LYS A 183 15.40 -10.53 14.85
C LYS A 183 14.43 -10.21 13.72
N SER A 184 14.11 -8.94 13.57
CA SER A 184 13.08 -8.54 12.63
C SER A 184 13.69 -7.96 11.37
N PHE A 185 13.20 -8.38 10.22
CA PHE A 185 13.65 -7.87 8.92
C PHE A 185 12.95 -6.53 8.65
N LEU A 186 13.74 -5.46 8.48
CA LEU A 186 13.20 -4.12 8.32
C LEU A 186 12.91 -3.88 6.82
N GLN A 187 11.64 -3.60 6.51
CA GLN A 187 11.18 -3.29 5.18
C GLN A 187 10.69 -1.86 5.19
N PHE A 188 11.33 -0.99 4.42
CA PHE A 188 10.91 0.41 4.30
C PHE A 188 9.82 0.34 3.23
N SER A 189 8.73 1.07 3.39
CA SER A 189 7.61 0.94 2.43
C SER A 189 6.56 2.03 2.58
N ALA A 190 5.76 2.17 1.51
CA ALA A 190 4.56 3.02 1.50
C ALA A 190 3.38 2.28 2.12
N MET B 2 1.56 -20.51 5.01
CA MET B 2 2.35 -19.31 5.30
C MET B 2 3.72 -19.38 4.68
N ALA B 3 4.26 -18.21 4.31
CA ALA B 3 5.66 -18.08 3.88
C ALA B 3 6.58 -18.38 5.08
N HIS B 4 7.87 -18.40 4.82
CA HIS B 4 8.86 -18.35 5.88
C HIS B 4 9.30 -16.90 6.07
N SER B 5 9.85 -16.62 7.25
CA SER B 5 10.56 -15.38 7.51
C SER B 5 11.77 -15.32 6.58
N PRO B 6 12.27 -14.10 6.28
CA PRO B 6 13.56 -13.97 5.60
C PRO B 6 14.65 -14.77 6.33
N PRO B 7 15.53 -15.46 5.59
CA PRO B 7 16.60 -16.23 6.26
C PRO B 7 17.30 -15.43 7.36
N GLY B 8 17.45 -16.05 8.54
CA GLY B 8 18.11 -15.41 9.69
C GLY B 8 17.24 -14.41 10.48
N HIS B 9 15.93 -14.33 10.17
CA HIS B 9 15.01 -13.40 10.83
C HIS B 9 13.76 -14.15 11.35
N HIS B 10 13.13 -13.63 12.39
CA HIS B 10 11.94 -14.25 12.98
C HIS B 10 10.64 -13.54 12.67
N SER B 11 10.74 -12.42 11.96
CA SER B 11 9.61 -11.56 11.70
C SER B 11 10.02 -10.53 10.67
N VAL B 12 9.02 -9.80 10.16
CA VAL B 12 9.22 -8.63 9.31
C VAL B 12 8.57 -7.41 9.96
N THR B 13 9.28 -6.29 9.89
CA THR B 13 8.79 -4.98 10.31
C THR B 13 8.52 -4.14 9.10
N GLY B 14 7.30 -3.68 8.95
CA GLY B 14 6.96 -2.80 7.85
C GLY B 14 7.05 -1.41 8.38
N ARG B 15 8.14 -0.71 8.05
CA ARG B 15 8.35 0.67 8.49
CA ARG B 15 8.36 0.68 8.47
C ARG B 15 7.61 1.62 7.53
N PRO B 16 6.73 2.47 8.07
CA PRO B 16 6.07 3.44 7.17
C PRO B 16 7.10 4.45 6.59
N SER B 17 7.08 4.70 5.28
CA SER B 17 8.07 5.61 4.62
C SER B 17 7.46 6.73 3.74
N VAL B 18 6.16 7.01 3.90
CA VAL B 18 5.44 8.05 3.13
C VAL B 18 4.56 8.85 4.10
N ASN B 19 3.58 8.15 4.69
CA ASN B 19 2.73 8.70 5.74
C ASN B 19 3.55 8.79 7.03
N GLY B 20 3.99 10.01 7.28
CA GLY B 20 4.72 10.35 8.49
C GLY B 20 4.00 10.10 9.80
N LEU B 21 2.67 9.98 9.79
CA LEU B 21 1.96 9.70 11.06
C LEU B 21 1.74 8.20 11.35
N ALA B 22 1.99 7.35 10.37
CA ALA B 22 1.71 5.90 10.57
C ALA B 22 2.71 5.29 11.52
N LEU B 23 2.25 4.39 12.37
CA LEU B 23 3.15 3.52 13.11
C LEU B 23 3.44 2.23 12.34
N ALA B 24 4.38 1.45 12.84
CA ALA B 24 4.83 0.24 12.22
C ALA B 24 3.76 -0.86 12.27
N GLU B 25 3.92 -1.80 11.34
CA GLU B 25 3.14 -3.02 11.21
C GLU B 25 4.15 -4.16 11.21
N TYR B 26 3.73 -5.35 11.64
CA TYR B 26 4.67 -6.44 11.87
C TYR B 26 4.03 -7.73 11.37
N VAL B 27 4.87 -8.65 10.90
CA VAL B 27 4.43 -9.94 10.39
C VAL B 27 5.25 -11.02 11.04
N ILE B 28 4.54 -12.03 11.53
CA ILE B 28 5.16 -13.28 12.00
C ILE B 28 4.67 -14.40 11.09
N TYR B 29 5.47 -15.44 11.01
CA TYR B 29 5.21 -16.57 10.12
C TYR B 29 4.97 -17.86 10.90
N ARG B 30 4.94 -17.78 12.23
CA ARG B 30 4.67 -18.92 13.09
C ARG B 30 3.60 -18.47 14.09
N GLY B 31 2.48 -19.19 14.14
CA GLY B 31 1.40 -18.82 15.06
C GLY B 31 1.77 -18.81 16.53
N GLU B 32 2.75 -19.64 16.89
CA GLU B 32 3.26 -19.74 18.24
C GLU B 32 3.98 -18.50 18.71
N GLN B 33 4.32 -17.57 17.81
CA GLN B 33 4.97 -16.34 18.20
C GLN B 33 4.04 -15.21 18.63
N ALA B 34 2.75 -15.49 18.81
CA ALA B 34 1.83 -14.52 19.37
C ALA B 34 0.86 -15.20 20.34
N TYR B 35 0.54 -14.49 21.39
CA TYR B 35 -0.47 -14.90 22.36
C TYR B 35 -1.54 -13.80 22.43
N PRO B 36 -2.83 -14.14 22.25
CA PRO B 36 -3.92 -13.11 22.28
C PRO B 36 -4.28 -12.79 23.72
N GLU B 37 -3.67 -11.79 24.31
N GLU B 37 -3.66 -11.77 24.28
CA GLU B 37 -3.79 -11.59 25.74
CA GLU B 37 -3.68 -11.51 25.71
C GLU B 37 -5.07 -10.86 26.17
C GLU B 37 -4.99 -10.81 26.18
N TYR B 38 -5.50 -9.88 25.38
CA TYR B 38 -6.71 -9.12 25.71
C TYR B 38 -7.67 -9.10 24.55
N LEU B 39 -8.93 -9.34 24.87
CA LEU B 39 -10.05 -9.18 23.95
C LEU B 39 -10.80 -7.90 24.31
N ILE B 40 -10.83 -6.97 23.37
CA ILE B 40 -11.40 -5.67 23.58
C ILE B 40 -12.63 -5.56 22.73
N THR B 41 -13.77 -5.28 23.38
CA THR B 41 -15.04 -5.05 22.72
C THR B 41 -15.38 -3.56 22.73
N TYR B 42 -15.70 -3.01 21.56
CA TYR B 42 -15.80 -1.56 21.38
C TYR B 42 -16.72 -1.18 20.25
N GLN B 43 -17.06 0.10 20.24
CA GLN B 43 -17.63 0.73 19.05
C GLN B 43 -16.73 1.85 18.62
N ILE B 44 -16.71 2.13 17.31
CA ILE B 44 -16.13 3.37 16.85
C ILE B 44 -17.13 4.50 17.15
N MET B 45 -16.64 5.69 17.44
CA MET B 45 -17.53 6.81 17.78
C MET B 45 -17.61 7.81 16.64
N ARG B 46 -18.83 8.25 16.33
CA ARG B 46 -19.04 9.26 15.29
C ARG B 46 -18.42 10.57 15.75
N PRO B 47 -17.51 11.17 14.95
CA PRO B 47 -16.95 12.48 15.37
C PRO B 47 -18.04 13.55 15.54
N GLU B 48 -17.84 14.46 16.49
CA GLU B 48 -18.80 15.55 16.70
C GLU B 48 -18.73 16.53 15.56
N GLY C 30 -7.61 16.28 0.14
CA GLY C 30 -8.70 15.91 -0.80
C GLY C 30 -8.61 14.48 -1.33
N THR C 31 -7.41 13.90 -1.34
CA THR C 31 -7.23 12.61 -1.98
C THR C 31 -7.51 11.49 -1.01
N ILE C 32 -8.30 10.52 -1.45
CA ILE C 32 -8.37 9.22 -0.78
C ILE C 32 -7.90 8.10 -1.72
N LEU C 33 -7.25 7.10 -1.12
CA LEU C 33 -6.79 5.91 -1.84
C LEU C 33 -7.62 4.71 -1.43
N ILE C 34 -8.19 4.02 -2.39
CA ILE C 34 -9.03 2.84 -2.15
C ILE C 34 -8.31 1.62 -2.69
N ASP C 35 -8.00 0.64 -1.81
CA ASP C 35 -7.34 -0.59 -2.22
C ASP C 35 -8.27 -1.38 -3.08
N LEU C 36 -7.73 -1.91 -4.16
CA LEU C 36 -8.48 -2.85 -4.99
C LEU C 36 -8.13 -4.22 -4.52
N SER C 37 -9.12 -5.11 -4.56
CA SER C 37 -8.90 -6.49 -4.18
C SER C 37 -8.21 -7.18 -5.36
N PRO C 38 -7.26 -8.08 -5.09
CA PRO C 38 -6.74 -8.90 -6.18
C PRO C 38 -7.74 -9.78 -6.90
N ASP C 39 -8.87 -10.09 -6.26
CA ASP C 39 -9.91 -10.89 -6.91
C ASP C 39 -10.82 -10.11 -7.85
N ASP C 40 -10.68 -8.78 -7.85
CA ASP C 40 -11.42 -7.82 -8.65
C ASP C 40 -10.84 -7.80 -10.05
N LYS C 41 -11.71 -7.85 -11.05
CA LYS C 41 -11.33 -7.65 -12.44
C LYS C 41 -10.53 -6.37 -12.68
N GLU C 42 -10.87 -5.30 -12.00
CA GLU C 42 -10.15 -4.04 -12.20
C GLU C 42 -8.65 -4.16 -11.80
N PHE C 43 -8.40 -4.72 -10.62
CA PHE C 43 -7.04 -5.05 -10.21
C PHE C 43 -6.32 -5.86 -11.25
N GLN C 44 -6.97 -6.93 -11.72
CA GLN C 44 -6.34 -7.87 -12.65
C GLN C 44 -5.97 -7.24 -13.97
N SER C 45 -6.83 -6.34 -14.42
CA SER C 45 -6.63 -5.61 -15.65
C SER C 45 -5.41 -4.70 -15.57
N VAL C 46 -5.28 -4.01 -14.44
CA VAL C 46 -4.16 -3.11 -14.24
C VAL C 46 -2.85 -3.91 -14.11
N GLU C 47 -2.87 -4.98 -13.33
CA GLU C 47 -1.70 -5.84 -13.22
C GLU C 47 -1.29 -6.37 -14.60
N GLU C 48 -2.24 -6.86 -15.40
CA GLU C 48 -1.87 -7.38 -16.74
C GLU C 48 -1.28 -6.27 -17.64
N GLU C 49 -1.78 -5.04 -17.53
CA GLU C 49 -1.18 -3.94 -18.28
C GLU C 49 0.26 -3.68 -17.82
N MET C 50 0.49 -3.70 -16.49
CA MET C 50 1.87 -3.62 -15.96
C MET C 50 2.78 -4.72 -16.52
N GLN C 51 2.34 -5.97 -16.34
CA GLN C 51 3.20 -7.12 -16.63
C GLN C 51 3.44 -7.29 -18.13
N SER C 52 2.41 -7.03 -18.92
CA SER C 52 2.48 -7.28 -20.36
C SER C 52 3.31 -6.25 -21.11
N THR C 53 3.61 -5.10 -20.47
CA THR C 53 4.34 -4.06 -21.15
C THR C 53 5.78 -3.90 -20.61
N VAL C 54 6.27 -4.90 -19.92
CA VAL C 54 7.70 -4.99 -19.62
C VAL C 54 8.45 -5.29 -20.92
N ARG C 55 9.51 -4.54 -21.17
CA ARG C 55 10.42 -4.89 -22.24
C ARG C 55 11.85 -4.80 -21.75
N GLU C 56 12.77 -5.25 -22.59
CA GLU C 56 14.21 -5.05 -22.39
C GLU C 56 14.53 -3.62 -22.78
N HIS C 57 15.51 -3.07 -22.10
CA HIS C 57 15.95 -1.72 -22.31
C HIS C 57 17.41 -1.73 -22.80
N ARG C 58 17.75 -0.75 -23.61
CA ARG C 58 19.06 -0.69 -24.27
C ARG C 58 20.21 -0.41 -23.30
N ASP C 59 19.89 0.06 -22.08
CA ASP C 59 20.89 0.20 -21.00
C ASP C 59 21.20 -1.06 -20.21
N GLY C 60 20.65 -2.19 -20.64
CA GLY C 60 20.91 -3.47 -20.02
C GLY C 60 20.34 -3.56 -18.60
N GLY C 61 19.44 -2.65 -18.22
CA GLY C 61 18.96 -2.55 -16.80
C GLY C 61 19.58 -1.49 -15.92
N HIS C 62 20.52 -0.71 -16.46
CA HIS C 62 21.23 0.27 -15.63
C HIS C 62 20.31 1.18 -14.83
N ALA C 63 19.32 1.77 -15.50
CA ALA C 63 18.42 2.72 -14.86
C ALA C 63 17.35 2.09 -13.99
N GLY C 64 16.65 1.09 -14.52
CA GLY C 64 15.49 0.48 -13.85
C GLY C 64 15.68 -0.87 -13.17
N GLY C 65 16.83 -1.50 -13.39
CA GLY C 65 17.05 -2.87 -12.95
C GLY C 65 16.84 -3.94 -13.95
N ILE C 66 17.27 -5.14 -13.57
CA ILE C 66 17.19 -6.30 -14.44
C ILE C 66 16.01 -7.07 -13.98
N PHE C 67 15.02 -7.18 -14.85
CA PHE C 67 13.79 -7.97 -14.55
C PHE C 67 12.95 -8.22 -15.78
N ASN C 68 12.16 -9.27 -15.74
CA ASN C 68 11.18 -9.57 -16.77
C ASN C 68 9.74 -9.40 -16.32
N ARG C 69 9.51 -9.27 -15.02
CA ARG C 69 8.19 -9.13 -14.47
C ARG C 69 8.26 -8.52 -13.08
N TYR C 70 7.09 -8.14 -12.58
CA TYR C 70 6.95 -7.54 -11.28
C TYR C 70 6.21 -8.45 -10.28
N ASN C 71 6.50 -8.20 -9.02
CA ASN C 71 5.63 -8.64 -7.92
C ASN C 71 4.72 -7.44 -7.50
N ILE C 72 3.45 -7.47 -7.89
CA ILE C 72 2.52 -6.40 -7.59
C ILE C 72 2.02 -6.60 -6.14
N LEU C 73 2.28 -5.61 -5.30
CA LEU C 73 1.93 -5.70 -3.90
C LEU C 73 0.59 -5.10 -3.62
N LYS C 74 0.24 -4.00 -4.30
CA LYS C 74 -0.98 -3.28 -4.05
C LYS C 74 -1.33 -2.40 -5.25
N ILE C 75 -2.63 -2.25 -5.50
CA ILE C 75 -3.13 -1.31 -6.49
C ILE C 75 -4.27 -0.53 -5.82
N GLN C 76 -4.09 0.79 -5.76
CA GLN C 76 -5.07 1.69 -5.22
C GLN C 76 -5.65 2.63 -6.25
N LYS C 77 -6.94 2.80 -6.15
CA LYS C 77 -7.67 3.80 -6.90
C LYS C 77 -7.44 5.16 -6.21
N VAL C 78 -7.08 6.18 -6.98
CA VAL C 78 -6.81 7.51 -6.45
C VAL C 78 -8.04 8.40 -6.67
N CYS C 79 -8.65 8.91 -5.60
CA CYS C 79 -9.91 9.62 -5.70
C CYS C 79 -9.74 11.02 -5.17
N ASN C 80 -9.89 11.99 -6.06
CA ASN C 80 -9.86 13.39 -5.67
C ASN C 80 -10.82 14.12 -6.59
N LYS C 81 -11.92 14.59 -6.01
CA LYS C 81 -13.01 15.26 -6.72
C LYS C 81 -12.53 16.55 -7.39
N LYS C 82 -11.77 17.35 -6.67
CA LYS C 82 -11.23 18.59 -7.21
C LYS C 82 -10.28 18.34 -8.41
N LEU C 83 -9.35 17.38 -8.29
CA LEU C 83 -8.41 17.10 -9.36
C LEU C 83 -9.12 16.48 -10.55
N TRP C 84 -10.14 15.66 -10.26
CA TRP C 84 -10.93 15.05 -11.31
C TRP C 84 -11.69 16.13 -12.14
N GLU C 85 -12.28 17.10 -11.47
CA GLU C 85 -13.00 18.18 -12.16
C GLU C 85 -12.03 19.06 -12.97
N ARG C 86 -10.86 19.34 -12.41
CA ARG C 86 -9.78 20.00 -13.16
C ARG C 86 -9.44 19.22 -14.45
N TYR C 87 -9.26 17.91 -14.30
CA TYR C 87 -9.00 17.02 -15.45
C TYR C 87 -10.14 17.05 -16.52
N THR C 88 -11.37 16.83 -16.12
CA THR C 88 -12.49 16.74 -17.06
C THR C 88 -12.84 18.06 -17.77
N HIS C 89 -12.59 19.17 -17.09
CA HIS C 89 -12.75 20.49 -17.68
C HIS C 89 -11.74 20.69 -18.79
N ARG C 90 -10.48 20.38 -18.52
CA ARG C 90 -9.47 20.46 -19.56
C ARG C 90 -9.76 19.46 -20.68
N ARG C 91 -10.24 18.28 -20.37
CA ARG C 91 -10.50 17.26 -21.40
C ARG C 91 -11.57 17.77 -22.39
N LYS C 92 -12.62 18.38 -21.83
CA LYS C 92 -13.67 19.04 -22.61
C LYS C 92 -13.15 20.14 -23.52
N GLU C 93 -12.26 21.01 -23.02
CA GLU C 93 -11.64 22.05 -23.88
C GLU C 93 -10.85 21.42 -25.01
N VAL C 94 -10.04 20.41 -24.69
CA VAL C 94 -9.19 19.77 -25.69
C VAL C 94 -10.05 19.06 -26.71
N SER C 95 -11.02 18.31 -26.22
CA SER C 95 -11.95 17.59 -27.06
C SER C 95 -12.66 18.51 -28.07
N GLU C 96 -13.18 19.63 -27.61
CA GLU C 96 -13.84 20.61 -28.52
C GLU C 96 -12.87 21.21 -29.54
N GLU C 97 -11.67 21.58 -29.10
CA GLU C 97 -10.61 22.01 -30.03
C GLU C 97 -10.20 20.96 -31.04
N ASN C 98 -10.30 19.68 -30.71
CA ASN C 98 -9.92 18.59 -31.61
C ASN C 98 -11.16 17.90 -32.17
N HIS C 99 -12.21 18.70 -32.43
CA HIS C 99 -13.38 18.26 -33.17
C HIS C 99 -14.04 17.06 -32.54
N ASN C 100 -14.25 17.21 -31.23
CA ASN C 100 -14.91 16.25 -30.36
CA ASN C 100 -14.93 16.24 -30.40
C ASN C 100 -14.15 14.92 -30.23
N HIS C 101 -12.83 15.01 -30.03
CA HIS C 101 -11.99 13.81 -29.84
C HIS C 101 -10.95 14.11 -28.78
N ALA C 102 -11.19 13.65 -27.55
CA ALA C 102 -10.21 13.81 -26.50
C ALA C 102 -8.92 13.05 -26.73
N ASN C 103 -8.98 11.92 -27.44
CA ASN C 103 -7.79 11.05 -27.65
C ASN C 103 -7.20 10.67 -26.29
N GLU C 104 -8.05 10.13 -25.45
CA GLU C 104 -7.65 9.79 -24.08
C GLU C 104 -7.07 8.37 -23.98
N ARG C 105 -5.97 8.25 -23.24
CA ARG C 105 -5.24 6.99 -23.11
C ARG C 105 -5.03 6.69 -21.64
N MET C 106 -4.72 5.42 -21.33
CA MET C 106 -4.21 5.03 -20.01
C MET C 106 -2.72 4.77 -20.21
N LEU C 107 -1.89 5.48 -19.46
CA LEU C 107 -0.43 5.48 -19.59
C LEU C 107 0.27 5.47 -18.25
N PHE C 108 1.47 4.88 -18.22
CA PHE C 108 2.28 4.84 -17.01
C PHE C 108 3.08 6.14 -16.77
N HIS C 109 3.33 6.44 -15.49
CA HIS C 109 4.19 7.55 -15.09
C HIS C 109 4.97 7.15 -13.87
N GLY C 110 6.28 7.24 -13.97
CA GLY C 110 7.21 6.98 -12.88
C GLY C 110 7.85 8.28 -12.48
N SER C 111 8.00 8.51 -11.19
CA SER C 111 8.55 9.76 -10.71
C SER C 111 8.89 9.67 -9.22
N PRO C 112 9.99 10.30 -8.78
CA PRO C 112 10.19 10.50 -7.34
C PRO C 112 9.09 11.32 -6.65
N PHE C 113 8.27 12.05 -7.39
CA PHE C 113 7.23 12.91 -6.78
C PHE C 113 5.83 12.30 -6.80
N VAL C 114 5.73 10.97 -6.92
CA VAL C 114 4.40 10.34 -6.95
C VAL C 114 3.47 10.76 -5.79
N ASN C 115 4.03 10.93 -4.59
CA ASN C 115 3.22 11.34 -3.43
C ASN C 115 2.64 12.74 -3.61
N ALA C 116 3.45 13.67 -4.10
CA ALA C 116 2.97 15.01 -4.42
C ALA C 116 1.92 15.00 -5.55
N ILE C 117 2.13 14.16 -6.55
CA ILE C 117 1.19 14.09 -7.66
C ILE C 117 -0.22 13.65 -7.24
N ILE C 118 -0.31 12.59 -6.45
CA ILE C 118 -1.64 12.10 -6.04
C ILE C 118 -2.39 13.10 -5.14
N HIS C 119 -1.66 13.97 -4.47
CA HIS C 119 -2.30 14.96 -3.58
C HIS C 119 -2.60 16.26 -4.27
N LYS C 120 -1.68 16.76 -5.10
CA LYS C 120 -1.79 18.08 -5.71
C LYS C 120 -2.04 18.06 -7.21
N GLY C 121 -1.93 16.89 -7.83
CA GLY C 121 -2.06 16.80 -9.29
C GLY C 121 -0.76 17.00 -9.98
N PHE C 122 -0.76 16.77 -11.29
CA PHE C 122 0.39 17.09 -12.12
C PHE C 122 0.48 18.61 -12.33
N ASP C 123 1.69 19.13 -12.37
CA ASP C 123 1.95 20.54 -12.78
C ASP C 123 3.43 20.70 -13.23
N GLU C 124 3.85 21.94 -13.50
CA GLU C 124 5.24 22.24 -13.96
C GLU C 124 6.37 21.55 -13.14
N ARG C 125 6.14 21.33 -11.84
CA ARG C 125 7.15 20.68 -10.96
C ARG C 125 7.44 19.22 -11.36
N HIS C 126 6.50 18.62 -12.09
CA HIS C 126 6.58 17.19 -12.53
C HIS C 126 7.07 16.98 -13.98
N ALA C 127 7.48 18.09 -14.63
CA ALA C 127 8.01 18.08 -16.00
C ALA C 127 9.46 17.63 -16.04
N TYR C 128 9.84 17.11 -17.21
CA TYR C 128 11.18 16.63 -17.51
C TYR C 128 11.72 17.67 -18.45
N ILE C 129 12.50 18.57 -17.88
CA ILE C 129 12.93 19.77 -18.59
C ILE C 129 13.77 19.37 -19.80
N GLY C 130 14.69 18.43 -19.60
CA GLY C 130 15.59 17.98 -20.67
C GLY C 130 15.13 16.78 -21.47
N GLY C 131 13.83 16.49 -21.46
CA GLY C 131 13.33 15.35 -22.20
C GLY C 131 13.48 15.56 -23.70
N MET C 132 13.76 14.49 -24.42
CA MET C 132 13.94 14.50 -25.87
C MET C 132 12.83 15.13 -26.73
N PHE C 133 11.61 15.22 -26.20
CA PHE C 133 10.49 15.82 -26.93
C PHE C 133 10.02 17.12 -26.28
N GLY C 134 10.92 17.80 -25.58
CA GLY C 134 10.64 19.09 -24.95
C GLY C 134 10.30 19.00 -23.49
N ALA C 135 10.26 20.15 -22.85
CA ALA C 135 9.96 20.31 -21.42
C ALA C 135 8.47 20.11 -21.15
N GLY C 136 8.10 18.87 -20.86
CA GLY C 136 6.72 18.52 -20.57
C GLY C 136 6.70 17.34 -19.61
N ILE C 137 5.51 16.81 -19.41
CA ILE C 137 5.29 15.68 -18.51
C ILE C 137 5.19 14.44 -19.41
N TYR C 138 6.02 13.46 -19.11
CA TYR C 138 6.22 12.30 -19.94
C TYR C 138 5.48 11.08 -19.40
N PHE C 139 4.91 10.30 -20.30
CA PHE C 139 4.19 9.09 -19.97
C PHE C 139 4.62 7.98 -20.95
N ALA C 140 4.49 6.74 -20.53
CA ALA C 140 4.94 5.58 -21.30
C ALA C 140 3.86 4.52 -21.43
N GLU C 141 3.79 3.91 -22.62
CA GLU C 141 3.07 2.67 -22.81
C GLU C 141 3.79 1.50 -22.15
N ASN C 142 5.13 1.50 -22.14
CA ASN C 142 5.85 0.42 -21.48
C ASN C 142 5.95 0.77 -19.98
N SER C 143 5.39 -0.06 -19.11
CA SER C 143 5.59 0.10 -17.67
C SER C 143 7.08 0.18 -17.25
N SER C 144 7.91 -0.62 -17.91
CA SER C 144 9.33 -0.75 -17.59
C SER C 144 10.06 0.52 -17.99
N LYS C 145 9.53 1.27 -18.95
CA LYS C 145 10.10 2.59 -19.25
C LYS C 145 9.86 3.58 -18.06
N SER C 146 8.64 3.64 -17.55
CA SER C 146 8.31 4.47 -16.39
C SER C 146 9.05 4.01 -15.16
N ASN C 147 9.25 2.70 -15.02
CA ASN C 147 10.07 2.14 -13.90
C ASN C 147 11.48 2.73 -13.86
N GLN C 148 12.06 3.08 -15.01
CA GLN C 148 13.37 3.75 -15.05
C GLN C 148 13.44 5.12 -14.33
N TYR C 149 12.29 5.76 -14.05
CA TYR C 149 12.23 7.09 -13.47
C TYR C 149 11.74 7.10 -12.02
N VAL C 150 11.47 5.93 -11.45
CA VAL C 150 10.94 5.86 -10.09
C VAL C 150 11.90 6.49 -9.07
N TYR C 151 13.17 6.25 -9.27
CA TYR C 151 14.20 6.86 -8.42
C TYR C 151 14.89 8.08 -9.00
N GLY C 152 14.26 8.71 -10.01
CA GLY C 152 14.81 9.90 -10.66
C GLY C 152 15.32 9.63 -12.06
N ILE C 153 15.84 10.66 -12.70
CA ILE C 153 16.35 10.55 -14.08
C ILE C 153 17.50 9.53 -14.15
N GLY C 154 17.46 8.60 -15.09
CA GLY C 154 18.52 7.57 -15.18
C GLY C 154 18.52 6.58 -14.02
N GLY C 155 17.42 6.53 -13.26
CA GLY C 155 17.30 5.81 -12.01
C GLY C 155 17.98 6.45 -10.80
N GLY C 156 18.46 7.69 -10.93
CA GLY C 156 19.26 8.35 -9.88
C GLY C 156 20.31 7.46 -9.30
N THR C 157 20.34 7.37 -7.98
CA THR C 157 21.23 6.44 -7.27
C THR C 157 20.48 5.22 -6.75
N GLY C 158 19.29 4.93 -7.29
CA GLY C 158 18.55 3.74 -6.95
C GLY C 158 17.82 3.87 -5.63
N CYS C 159 17.49 2.75 -5.00
CA CYS C 159 16.64 2.83 -3.84
C CYS C 159 17.32 3.61 -2.71
N PRO C 160 16.53 4.27 -1.84
CA PRO C 160 17.12 5.02 -0.70
C PRO C 160 17.95 4.15 0.23
N VAL C 161 17.47 2.94 0.50
CA VAL C 161 18.08 2.07 1.52
C VAL C 161 19.36 1.37 1.06
N HIS C 162 19.41 0.89 -0.18
CA HIS C 162 20.54 0.07 -0.65
C HIS C 162 21.38 0.79 -1.73
N LYS C 163 20.92 1.95 -2.22
CA LYS C 163 21.53 2.61 -3.38
C LYS C 163 21.68 1.67 -4.59
N ASP C 164 20.62 0.93 -4.88
CA ASP C 164 20.67 -0.09 -5.91
C ASP C 164 19.49 0.16 -6.88
N ARG C 165 19.82 0.52 -8.13
CA ARG C 165 18.83 0.75 -9.16
C ARG C 165 18.10 -0.54 -9.52
N SER C 166 18.72 -1.70 -9.20
CA SER C 166 18.11 -3.01 -9.45
C SER C 166 17.66 -3.67 -8.17
N CYS C 167 17.33 -2.88 -7.17
CA CYS C 167 16.96 -3.46 -5.85
C CYS C 167 15.70 -4.30 -6.00
N TYR C 168 15.77 -5.55 -5.53
CA TYR C 168 14.64 -6.48 -5.55
C TYR C 168 13.84 -6.54 -4.23
N ILE C 169 14.28 -5.77 -3.25
CA ILE C 169 13.70 -5.77 -1.91
C ILE C 169 12.76 -4.60 -1.73
N CYS C 170 13.25 -3.40 -2.05
CA CYS C 170 12.52 -2.18 -1.74
C CYS C 170 11.27 -1.99 -2.63
N HIS C 171 10.22 -1.43 -2.05
CA HIS C 171 8.93 -1.22 -2.71
C HIS C 171 8.99 -0.02 -3.57
N ARG C 172 8.54 -0.16 -4.83
CA ARG C 172 8.44 0.93 -5.76
C ARG C 172 6.98 1.28 -6.01
N GLN C 173 6.72 2.50 -6.49
CA GLN C 173 5.41 2.91 -6.92
C GLN C 173 5.45 3.56 -8.30
N LEU C 174 4.43 3.25 -9.11
CA LEU C 174 4.16 3.85 -10.43
C LEU C 174 2.70 4.32 -10.41
N LEU C 175 2.38 5.26 -11.30
CA LEU C 175 1.02 5.69 -11.54
C LEU C 175 0.61 5.16 -12.89
N PHE C 176 -0.65 4.75 -12.96
CA PHE C 176 -1.28 4.40 -14.23
C PHE C 176 -2.36 5.46 -14.39
N CYS C 177 -2.18 6.32 -15.38
CA CYS C 177 -2.89 7.57 -15.47
C CYS C 177 -3.78 7.71 -16.68
N ARG C 178 -4.81 8.52 -16.51
CA ARG C 178 -5.69 8.89 -17.62
C ARG C 178 -5.07 10.14 -18.22
N VAL C 179 -4.78 10.14 -19.53
CA VAL C 179 -4.07 11.20 -20.18
C VAL C 179 -4.80 11.64 -21.45
N THR C 180 -5.03 12.95 -21.56
CA THR C 180 -5.77 13.51 -22.71
C THR C 180 -4.71 13.98 -23.69
N LEU C 181 -4.66 13.34 -24.85
CA LEU C 181 -3.64 13.70 -25.86
C LEU C 181 -4.08 14.72 -26.88
N GLY C 182 -5.38 14.80 -27.13
CA GLY C 182 -5.91 15.65 -28.19
C GLY C 182 -5.21 15.36 -29.53
N LYS C 183 -5.04 16.40 -30.32
CA LYS C 183 -4.20 16.36 -31.49
C LYS C 183 -2.74 16.18 -31.11
N SER C 184 -2.20 15.00 -31.37
CA SER C 184 -0.86 14.68 -30.96
C SER C 184 0.11 14.78 -32.13
N PHE C 185 1.23 15.47 -31.91
CA PHE C 185 2.26 15.62 -32.93
C PHE C 185 3.11 14.38 -32.91
N LEU C 186 3.18 13.69 -34.05
CA LEU C 186 3.96 12.48 -34.15
C LEU C 186 5.44 12.79 -34.40
N GLN C 187 6.31 12.38 -33.50
CA GLN C 187 7.75 12.57 -33.62
C GLN C 187 8.40 11.21 -33.63
N PHE C 188 9.03 10.82 -34.73
CA PHE C 188 9.78 9.57 -34.76
C PHE C 188 11.13 9.84 -34.12
N SER C 189 11.64 8.86 -33.38
CA SER C 189 12.86 9.08 -32.61
C SER C 189 13.72 7.88 -32.80
N ALA C 190 15.00 8.10 -33.04
CA ALA C 190 15.91 7.00 -33.37
C ALA C 190 16.20 6.00 -32.19
N MET C 191 15.55 6.16 -31.03
CA MET C 191 15.69 5.19 -29.91
C MET C 191 15.20 3.79 -30.28
N MET D 2 8.05 25.13 -18.24
CA MET D 2 7.32 24.15 -19.10
C MET D 2 7.03 24.70 -20.52
N ALA D 3 7.47 23.95 -21.53
CA ALA D 3 7.37 24.31 -22.96
C ALA D 3 5.91 24.35 -23.43
N HIS D 4 5.69 25.01 -24.57
CA HIS D 4 4.38 25.01 -25.21
C HIS D 4 4.27 23.74 -26.05
N SER D 5 3.04 23.29 -26.26
CA SER D 5 2.78 22.21 -27.20
C SER D 5 3.14 22.73 -28.60
N PRO D 6 3.45 21.82 -29.55
CA PRO D 6 3.58 22.26 -30.94
C PRO D 6 2.31 23.02 -31.38
N PRO D 7 2.46 24.13 -32.15
CA PRO D 7 1.27 24.91 -32.55
C PRO D 7 0.14 24.06 -33.15
N GLY D 8 -1.07 24.24 -32.61
CA GLY D 8 -2.22 23.47 -33.05
C GLY D 8 -2.24 22.02 -32.55
N HIS D 9 -1.28 21.64 -31.68
CA HIS D 9 -1.22 20.26 -31.11
C HIS D 9 -1.32 20.31 -29.58
N HIS D 10 -1.85 19.27 -28.95
CA HIS D 10 -2.03 19.25 -27.48
C HIS D 10 -1.05 18.32 -26.76
N SER D 11 -0.22 17.64 -27.53
CA SER D 11 0.70 16.65 -27.01
C SER D 11 1.67 16.24 -28.11
N VAL D 12 2.70 15.50 -27.73
CA VAL D 12 3.64 14.86 -28.63
C VAL D 12 3.65 13.37 -28.39
N THR D 13 3.65 12.62 -29.49
CA THR D 13 3.79 11.19 -29.51
C THR D 13 5.20 10.87 -29.99
N GLY D 14 5.99 10.31 -29.08
CA GLY D 14 7.37 9.96 -29.33
C GLY D 14 7.40 8.50 -29.69
N ARG D 15 7.71 8.18 -30.93
CA ARG D 15 7.59 6.79 -31.36
C ARG D 15 8.94 6.25 -31.72
N PRO D 16 9.43 5.23 -31.00
CA PRO D 16 10.72 4.66 -31.39
C PRO D 16 10.68 4.05 -32.81
N SER D 17 11.66 4.39 -33.63
CA SER D 17 11.74 3.90 -35.02
C SER D 17 12.89 2.91 -35.28
N VAL D 18 13.71 2.61 -34.26
CA VAL D 18 14.81 1.62 -34.38
C VAL D 18 14.49 0.32 -33.60
N ASN D 19 14.19 0.46 -32.31
CA ASN D 19 13.72 -0.68 -31.50
C ASN D 19 12.24 -0.96 -31.78
N GLY D 20 11.97 -2.03 -32.54
CA GLY D 20 10.62 -2.37 -32.93
C GLY D 20 9.71 -2.84 -31.79
N LEU D 21 10.33 -3.32 -30.69
CA LEU D 21 9.58 -3.74 -29.50
C LEU D 21 9.28 -2.59 -28.53
N ALA D 22 9.92 -1.44 -28.69
CA ALA D 22 9.68 -0.33 -27.78
C ALA D 22 8.36 0.35 -28.14
N LEU D 23 7.49 0.53 -27.15
CA LEU D 23 6.21 1.25 -27.36
C LEU D 23 6.39 2.75 -27.27
N ALA D 24 5.32 3.50 -27.54
CA ALA D 24 5.42 4.95 -27.61
C ALA D 24 5.52 5.58 -26.24
N GLU D 25 6.06 6.80 -26.26
CA GLU D 25 6.15 7.69 -25.11
C GLU D 25 5.38 8.93 -25.50
N TYR D 26 4.78 9.63 -24.53
CA TYR D 26 3.88 10.74 -24.79
C TYR D 26 4.20 11.90 -23.87
N VAL D 27 4.07 13.10 -24.41
CA VAL D 27 4.41 14.30 -23.68
C VAL D 27 3.21 15.22 -23.74
N ILE D 28 2.81 15.69 -22.57
CA ILE D 28 1.84 16.77 -22.41
C ILE D 28 2.48 18.01 -21.76
N TYR D 29 1.90 19.17 -22.05
CA TYR D 29 2.49 20.44 -21.61
C TYR D 29 1.61 21.17 -20.61
N ARG D 30 0.51 20.55 -20.23
CA ARG D 30 -0.41 21.10 -19.26
C ARG D 30 -0.68 19.97 -18.27
N GLY D 31 -0.47 20.21 -17.00
CA GLY D 31 -0.75 19.21 -15.95
C GLY D 31 -2.19 18.77 -15.82
N GLU D 32 -3.13 19.63 -16.21
CA GLU D 32 -4.53 19.30 -16.18
C GLU D 32 -4.91 18.25 -17.22
N GLN D 33 -4.04 17.95 -18.19
CA GLN D 33 -4.31 16.88 -19.17
C GLN D 33 -4.02 15.49 -18.68
N ALA D 34 -3.73 15.32 -17.38
CA ALA D 34 -3.54 13.96 -16.86
C ALA D 34 -4.16 13.81 -15.47
N TYR D 35 -4.66 12.63 -15.19
CA TYR D 35 -5.23 12.34 -13.86
C TYR D 35 -4.61 11.05 -13.34
N PRO D 36 -4.01 11.05 -12.13
CA PRO D 36 -3.34 9.87 -11.62
C PRO D 36 -4.32 8.86 -11.09
N GLU D 37 -4.84 8.02 -11.95
CA GLU D 37 -5.97 7.18 -11.55
C GLU D 37 -5.68 5.99 -10.64
N TYR D 38 -4.58 5.27 -10.88
CA TYR D 38 -4.16 4.14 -10.07
C TYR D 38 -2.75 4.33 -9.54
N LEU D 39 -2.56 3.97 -8.29
CA LEU D 39 -1.26 3.94 -7.64
C LEU D 39 -0.90 2.48 -7.39
N ILE D 40 0.19 2.05 -8.01
CA ILE D 40 0.60 0.67 -8.04
C ILE D 40 1.88 0.58 -7.23
N THR D 41 1.89 -0.28 -6.20
CA THR D 41 3.05 -0.61 -5.38
C THR D 41 3.56 -1.98 -5.73
N TYR D 42 4.87 -2.09 -5.96
CA TYR D 42 5.44 -3.29 -6.53
C TYR D 42 6.93 -3.47 -6.22
N GLN D 43 7.40 -4.66 -6.50
CA GLN D 43 8.83 -4.96 -6.58
C GLN D 43 9.16 -5.43 -7.98
N ILE D 44 10.34 -5.10 -8.48
CA ILE D 44 10.86 -5.84 -9.66
C ILE D 44 11.31 -7.22 -9.16
N MET D 45 11.18 -8.24 -9.99
CA MET D 45 11.54 -9.61 -9.61
C MET D 45 12.86 -10.05 -10.29
N ARG D 46 13.75 -10.67 -9.50
CA ARG D 46 15.01 -11.14 -10.06
C ARG D 46 14.75 -12.30 -11.01
N PRO D 47 15.26 -12.24 -12.26
CA PRO D 47 15.08 -13.37 -13.14
C PRO D 47 15.67 -14.68 -12.53
N GLU D 48 14.99 -15.80 -12.69
CA GLU D 48 15.46 -17.07 -12.12
C GLU D 48 16.56 -17.67 -12.96
S SO4 E . -3.47 3.43 5.51
S SO4 E . -3.13 3.55 5.60
O1 SO4 E . -4.90 3.38 5.14
O1 SO4 E . -1.70 3.33 5.91
O2 SO4 E . -2.64 3.19 4.30
O2 SO4 E . -3.37 3.35 4.16
O3 SO4 E . -3.11 4.77 6.02
O3 SO4 E . -3.48 4.94 5.95
O4 SO4 E . -3.11 2.41 6.51
O4 SO4 E . -4.08 2.64 6.28
S SO4 F . -14.58 13.42 18.56
O1 SO4 F . -15.73 14.23 18.07
O2 SO4 F . -14.94 11.97 18.62
O3 SO4 F . -13.44 13.63 17.65
O4 SO4 F . -14.12 13.85 19.90
ZN ZN G . -23.98 -2.35 12.22
CAT 97K H . -5.70 -9.64 7.44
CAS 97K H . -6.32 -10.79 7.03
CAR 97K H . -6.59 -11.30 5.82
NAQ 97K H . -7.21 -12.49 5.99
NAP 97K H . -7.38 -12.69 7.20
CAO 97K H . -6.86 -11.67 7.89
CAN 97K H . -6.80 -11.49 9.19
CAM 97K H . -6.19 -10.32 9.69
CAL 97K H . -5.66 -9.35 8.82
CAD 97K H . -4.98 -8.23 9.37
NAE 97K H . -4.08 -7.58 8.64
CAF 97K H . -3.36 -6.55 9.14
CAG 97K H . -2.48 -5.92 8.30
CAH 97K H . -1.68 -4.88 8.79
CAI 97K H . -1.80 -4.50 10.15
CAJ 97K H . -2.72 -5.13 11.00
CAK 97K H . -3.48 -6.17 10.50
CAB 97K H . -4.42 -6.86 11.27
OAA 97K H . -4.68 -6.57 12.42
NAC 97K H . -5.14 -7.89 10.70
C1 GOL I . 7.98 10.24 6.75
O1 GOL I . 6.94 10.58 5.85
C2 GOL I . 8.46 8.83 6.44
O2 GOL I . 7.58 7.85 6.99
C3 GOL I . 9.85 8.77 7.02
O3 GOL I . 10.70 9.25 5.97
S SO4 J . 15.44 2.30 -23.87
O1 SO4 J . 14.35 2.94 -24.60
O2 SO4 J . 15.55 0.89 -24.35
O3 SO4 J . 16.65 3.03 -24.20
O4 SO4 J . 15.19 2.46 -22.43
ZN ZN K . 16.61 -1.34 -1.76
CAT 97K L . 11.20 12.33 -15.81
CAS 97K L . 11.50 13.31 -14.92
CAR 97K L . 12.50 14.20 -14.87
NAQ 97K L . 12.33 14.95 -13.78
NAP 97K L . 11.27 14.55 -13.13
CAO 97K L . 10.76 13.54 -13.82
CAN 97K L . 9.68 12.82 -13.57
CAM 97K L . 9.32 11.80 -14.43
CAL 97K L . 10.10 11.51 -15.56
CAD 97K L . 9.64 10.55 -16.47
NAE 97K L . 10.09 10.52 -17.73
CAF 97K L . 9.61 9.64 -18.65
CAG 97K L . 10.15 9.68 -19.94
CAH 97K L . 9.69 8.81 -20.91
CAI 97K L . 8.67 7.92 -20.61
CAJ 97K L . 8.15 7.87 -19.30
CAK 97K L . 8.62 8.73 -18.33
CAB 97K L . 8.13 8.69 -16.99
OAA 97K L . 7.26 7.92 -16.56
NAC 97K L . 8.61 9.62 -16.10
S SO4 M . 11.69 -14.82 -14.69
O1 SO4 M . 10.55 -15.25 -15.52
O2 SO4 M . 12.35 -15.96 -14.00
O3 SO4 M . 11.18 -13.78 -13.72
O4 SO4 M . 12.74 -14.24 -15.53
#